data_6T7P
#
_entry.id   6T7P
#
_cell.length_a   57.100
_cell.length_b   59.150
_cell.length_c   86.720
_cell.angle_alpha   90.000
_cell.angle_beta   90.000
_cell.angle_gamma   90.000
#
_symmetry.space_group_name_H-M   'P 21 21 21'
#
loop_
_entity.id
_entity.type
_entity.pdbx_description
1 polymer 'Plasma kallikrein'
2 non-polymer GLUTATHIONE
3 non-polymer 'DIMETHYL SULFOXIDE'
4 non-polymer 'PHOSPHATE ION'
5 non-polymer GLYCEROL
6 non-polymer (2~{S},4~{R})-1-[[(3~{S})-3-azanyl-2,3-dihydro-1-benzofuran-6-yl]carbonyl]-~{N}-(3-chlorophenyl)-4-phenyl-pyrrolidine-2-carboxamide
7 water water
#
_entity_poly.entity_id   1
_entity_poly.type   'polypeptide(L)'
_entity_poly.pdbx_seq_one_letter_code
;IVGGTNSSWGEWPWQVSLQVKLTAQRHLCGGSLIGHQWVLTAAHCFDGLPLQDVWRIYSGILNLSDITKDTPFSQIKEII
IHQNYKVSEGNHDIALIKLQAPLNYTEFQKPICLPSKGDTSTIYTNCWVTGWGFSKEKGEIQNILQKVNIPLVTNEECQK
RYQDYKITQRMVCAGYKEGGKDACKGDSGGPLVCKHNGMWRLVGITSWGEGCARREQPGVYTKVAEYMDWILEKTQSSDG
KA
;
_entity_poly.pdbx_strand_id   A
#
# COMPACT_ATOMS: atom_id res chain seq x y z
N ILE A 1 -9.06 -7.10 1.75
CA ILE A 1 -8.53 -8.18 0.93
C ILE A 1 -9.60 -9.22 0.67
N VAL A 2 -9.87 -9.53 -0.60
CA VAL A 2 -10.81 -10.58 -1.00
C VAL A 2 -10.04 -11.85 -1.28
N GLY A 3 -10.50 -12.97 -0.73
CA GLY A 3 -9.91 -14.25 -1.03
C GLY A 3 -8.61 -14.53 -0.32
N GLY A 4 -8.28 -13.76 0.71
CA GLY A 4 -7.05 -13.95 1.46
C GLY A 4 -7.25 -14.78 2.72
N THR A 5 -6.22 -14.76 3.56
CA THR A 5 -6.23 -15.48 4.83
C THR A 5 -5.61 -14.63 5.93
N ASN A 6 -5.77 -15.08 7.17
CA ASN A 6 -5.22 -14.36 8.31
C ASN A 6 -3.70 -14.39 8.30
N SER A 7 -3.10 -13.23 8.55
CA SER A 7 -1.66 -13.16 8.74
C SER A 7 -1.27 -13.53 10.16
N SER A 8 0.00 -13.86 10.34
CA SER A 8 0.58 -14.13 11.65
C SER A 8 1.48 -12.97 12.09
N TRP A 9 1.75 -12.92 13.39
CA TRP A 9 2.61 -11.87 13.92
C TRP A 9 3.98 -11.92 13.26
N GLY A 10 4.49 -10.74 12.89
CA GLY A 10 5.82 -10.61 12.33
C GLY A 10 5.90 -10.89 10.85
N GLU A 11 4.82 -11.33 10.20
N GLU A 11 4.81 -11.31 10.22
CA GLU A 11 4.88 -11.63 8.77
CA GLU A 11 4.83 -11.62 8.80
C GLU A 11 5.02 -10.36 7.94
C GLU A 11 5.01 -10.37 7.96
N TRP A 12 4.30 -9.31 8.29
CA TRP A 12 4.30 -8.07 7.52
C TRP A 12 4.53 -6.90 8.47
N PRO A 13 5.74 -6.79 9.02
CA PRO A 13 5.97 -5.84 10.12
C PRO A 13 6.01 -4.39 9.69
N TRP A 14 5.99 -4.11 8.38
CA TRP A 14 5.91 -2.76 7.84
C TRP A 14 4.47 -2.28 7.67
N GLN A 15 3.48 -3.17 7.77
CA GLN A 15 2.10 -2.75 7.51
C GLN A 15 1.60 -1.87 8.65
N VAL A 16 1.05 -0.71 8.30
CA VAL A 16 0.47 0.19 9.28
C VAL A 16 -0.99 0.47 8.90
N SER A 17 -1.75 0.92 9.89
CA SER A 17 -3.14 1.34 9.71
C SER A 17 -3.23 2.84 9.93
N LEU A 18 -3.76 3.55 8.94
CA LEU A 18 -3.98 4.99 9.03
C LEU A 18 -5.42 5.22 9.44
N GLN A 19 -5.62 5.81 10.61
CA GLN A 19 -6.95 5.97 11.17
C GLN A 19 -7.22 7.44 11.47
N VAL A 20 -8.48 7.82 11.44
N VAL A 20 -8.49 7.80 11.49
CA VAL A 20 -8.90 9.16 11.83
CA VAL A 20 -8.93 9.15 11.81
C VAL A 20 -9.74 9.05 13.09
C VAL A 20 -9.80 9.10 13.05
N LYS A 21 -9.49 9.94 14.03
CA LYS A 21 -10.28 10.05 15.25
C LYS A 21 -11.01 11.38 15.20
N LEU A 22 -12.33 11.31 15.06
CA LEU A 22 -13.19 12.48 15.20
C LEU A 22 -13.88 12.31 16.54
N THR A 23 -15.16 11.97 16.58
CA THR A 23 -15.74 11.42 17.80
C THR A 23 -15.56 9.91 17.83
N ALA A 24 -15.84 9.25 16.71
CA ALA A 24 -15.48 7.86 16.51
C ALA A 24 -14.11 7.78 15.85
N GLN A 25 -13.52 6.59 15.87
CA GLN A 25 -12.23 6.33 15.26
C GLN A 25 -12.37 5.22 14.23
N ARG A 26 -11.81 5.41 13.05
CA ARG A 26 -12.02 4.49 11.93
C ARG A 26 -10.73 4.31 11.16
N HIS A 27 -10.49 3.08 10.71
CA HIS A 27 -9.43 2.79 9.76
C HIS A 27 -9.84 3.28 8.38
N LEU A 28 -8.96 4.05 7.72
CA LEU A 28 -9.24 4.56 6.38
CA LEU A 28 -9.24 4.56 6.38
C LEU A 28 -8.30 4.03 5.31
N CYS A 29 -7.05 3.73 5.64
CA CYS A 29 -6.09 3.33 4.62
C CYS A 29 -4.99 2.49 5.24
N GLY A 30 -4.33 1.70 4.40
CA GLY A 30 -3.06 1.12 4.76
C GLY A 30 -1.88 2.04 4.50
N GLY A 31 -0.71 1.60 4.95
CA GLY A 31 0.55 2.27 4.67
C GLY A 31 1.69 1.31 4.93
N SER A 32 2.90 1.72 4.52
CA SER A 32 4.09 0.91 4.71
C SER A 32 5.17 1.71 5.43
N LEU A 33 5.68 1.18 6.54
CA LEU A 33 6.82 1.78 7.19
C LEU A 33 8.06 1.60 6.31
N ILE A 34 8.74 2.69 5.97
CA ILE A 34 9.96 2.62 5.17
C ILE A 34 11.20 3.09 5.91
N GLY A 35 11.05 3.68 7.08
CA GLY A 35 12.17 4.07 7.91
C GLY A 35 11.63 4.42 9.27
N HIS A 36 12.53 4.88 10.15
CA HIS A 36 12.11 5.13 11.53
C HIS A 36 11.01 6.18 11.60
N GLN A 37 11.06 7.17 10.72
CA GLN A 37 10.13 8.29 10.80
CA GLN A 37 10.15 8.30 10.79
C GLN A 37 9.31 8.48 9.53
N TRP A 38 9.25 7.47 8.66
CA TRP A 38 8.63 7.63 7.36
C TRP A 38 7.70 6.47 7.01
N VAL A 39 6.50 6.83 6.56
N VAL A 39 6.50 6.77 6.52
CA VAL A 39 5.49 5.89 6.05
CA VAL A 39 5.64 5.75 5.96
C VAL A 39 5.18 6.30 4.61
C VAL A 39 5.16 6.19 4.57
N LEU A 40 5.01 5.31 3.74
N LEU A 40 5.16 5.24 3.64
CA LEU A 40 4.61 5.54 2.36
CA LEU A 40 4.60 5.48 2.31
C LEU A 40 3.18 5.03 2.17
C LEU A 40 3.13 5.08 2.30
N THR A 41 2.33 5.84 1.56
CA THR A 41 0.91 5.49 1.39
C THR A 41 0.43 6.08 0.07
N ALA A 42 -0.88 6.04 -0.14
CA ALA A 42 -1.50 6.58 -1.35
C ALA A 42 -1.98 8.01 -1.10
N ALA A 43 -1.73 8.89 -2.08
CA ALA A 43 -2.21 10.27 -1.98
C ALA A 43 -3.72 10.38 -1.82
N HIS A 44 -4.49 9.47 -2.44
CA HIS A 44 -5.96 9.55 -2.35
C HIS A 44 -6.46 9.43 -0.93
N CYS A 45 -5.65 8.87 -0.01
CA CYS A 45 -6.04 8.76 1.39
C CYS A 45 -6.30 10.12 2.01
N PHE A 46 -5.76 11.18 1.43
CA PHE A 46 -5.84 12.52 1.98
C PHE A 46 -6.81 13.43 1.21
N ASP A 47 -7.72 12.85 0.42
CA ASP A 47 -8.61 13.66 -0.40
C ASP A 47 -9.63 14.44 0.42
N GLY A 48 -9.91 14.01 1.65
CA GLY A 48 -10.89 14.70 2.49
C GLY A 48 -10.35 16.00 3.03
N LEU A 49 -11.15 16.64 3.88
CA LEU A 49 -10.71 17.90 4.47
C LEU A 49 -9.39 17.70 5.19
N PRO A 50 -8.44 18.62 5.03
CA PRO A 50 -7.11 18.46 5.66
C PRO A 50 -7.13 18.85 7.13
N LEU A 51 -7.90 18.10 7.92
CA LEU A 51 -8.05 18.39 9.33
C LEU A 51 -6.75 18.13 10.08
N GLN A 52 -6.44 19.00 11.03
CA GLN A 52 -5.23 18.86 11.82
C GLN A 52 -5.49 18.02 13.07
N ASP A 53 -4.50 17.22 13.44
CA ASP A 53 -4.51 16.45 14.69
C ASP A 53 -5.69 15.48 14.76
N VAL A 54 -5.95 14.80 13.64
CA VAL A 54 -6.94 13.73 13.62
C VAL A 54 -6.37 12.37 13.24
N TRP A 55 -5.26 12.32 12.51
CA TRP A 55 -4.74 11.04 12.07
C TRP A 55 -3.96 10.34 13.17
N ARG A 56 -4.18 9.02 13.30
CA ARG A 56 -3.43 8.16 14.19
C ARG A 56 -2.90 7.01 13.36
N ILE A 57 -1.60 6.76 13.44
CA ILE A 57 -0.96 5.72 12.64
C ILE A 57 -0.56 4.57 13.57
N TYR A 58 -1.16 3.41 13.35
CA TYR A 58 -0.90 2.24 14.18
C TYR A 58 0.07 1.30 13.50
N SER A 59 1.13 0.93 14.21
CA SER A 59 2.12 -0.02 13.74
C SER A 59 2.26 -1.08 14.81
N GLY A 60 2.85 -2.22 14.44
CA GLY A 60 2.98 -3.31 15.40
C GLY A 60 1.66 -3.87 15.88
N ILE A 61 0.61 -3.78 15.06
CA ILE A 61 -0.72 -4.26 15.39
C ILE A 61 -1.13 -5.27 14.33
N LEU A 62 -1.60 -6.44 14.77
CA LEU A 62 -2.11 -7.45 13.86
C LEU A 62 -3.62 -7.41 13.73
N ASN A 63 -4.33 -7.07 14.81
CA ASN A 63 -5.78 -7.21 14.91
C ASN A 63 -6.33 -5.86 15.34
N LEU A 64 -7.06 -5.19 14.45
CA LEU A 64 -7.57 -3.86 14.78
C LEU A 64 -8.48 -3.89 16.01
N SER A 65 -9.14 -5.02 16.27
CA SER A 65 -10.00 -5.10 17.45
C SER A 65 -9.20 -5.18 18.75
N ASP A 66 -7.91 -5.47 18.68
CA ASP A 66 -7.00 -5.43 19.82
C ASP A 66 -6.62 -4.00 20.22
N ILE A 67 -6.93 -2.95 19.38
CA ILE A 67 -6.58 -1.57 19.69
C ILE A 67 -7.48 -1.04 20.80
N THR A 68 -6.87 -0.50 21.85
CA THR A 68 -7.59 0.14 22.94
C THR A 68 -7.10 1.58 23.09
N LYS A 69 -7.71 2.30 24.04
CA LYS A 69 -7.25 3.65 24.34
C LYS A 69 -5.80 3.69 24.79
N ASP A 70 -5.28 2.58 25.32
CA ASP A 70 -3.89 2.51 25.78
C ASP A 70 -2.91 2.12 24.69
N THR A 71 -3.39 1.77 23.50
CA THR A 71 -2.49 1.32 22.44
C THR A 71 -1.70 2.52 21.93
N PRO A 72 -0.37 2.42 21.85
CA PRO A 72 0.42 3.53 21.29
C PRO A 72 0.12 3.73 19.82
N PHE A 73 0.33 4.97 19.37
CA PHE A 73 0.18 5.31 17.95
C PHE A 73 1.12 6.46 17.62
N SER A 74 1.44 6.58 16.34
CA SER A 74 2.23 7.69 15.82
C SER A 74 1.30 8.79 15.32
N GLN A 75 1.82 10.01 15.31
CA GLN A 75 1.10 11.15 14.76
C GLN A 75 1.86 11.72 13.57
N ILE A 76 1.16 12.52 12.78
CA ILE A 76 1.72 13.06 11.55
C ILE A 76 2.41 14.39 11.81
N LYS A 77 3.67 14.49 11.39
CA LYS A 77 4.38 15.77 11.35
C LYS A 77 4.17 16.48 10.02
N GLU A 78 4.21 15.72 8.92
CA GLU A 78 4.08 16.31 7.60
C GLU A 78 3.56 15.25 6.62
N ILE A 79 2.71 15.67 5.70
CA ILE A 79 2.27 14.86 4.58
C ILE A 79 2.84 15.47 3.32
N ILE A 80 3.53 14.65 2.51
CA ILE A 80 4.13 15.09 1.26
C ILE A 80 3.44 14.36 0.13
N ILE A 81 2.59 15.06 -0.59
CA ILE A 81 1.87 14.50 -1.72
C ILE A 81 2.65 14.82 -3.00
N HIS A 82 2.74 13.84 -3.90
CA HIS A 82 3.46 14.06 -5.15
C HIS A 82 2.90 15.27 -5.89
N GLN A 83 3.80 16.06 -6.48
CA GLN A 83 3.41 17.35 -7.02
C GLN A 83 2.46 17.25 -8.21
N ASN A 84 2.46 16.14 -8.93
CA ASN A 84 1.60 16.00 -10.10
C ASN A 84 0.29 15.27 -9.81
N TYR A 85 0.01 14.98 -8.55
CA TYR A 85 -1.21 14.27 -8.18
C TYR A 85 -2.44 15.16 -8.37
N LYS A 86 -3.50 14.57 -8.95
CA LYS A 86 -4.79 15.24 -9.13
C LYS A 86 -5.90 14.36 -8.56
N VAL A 87 -6.84 14.97 -7.84
CA VAL A 87 -7.86 14.22 -7.12
C VAL A 87 -8.73 13.38 -8.08
N SER A 88 -9.08 13.95 -9.23
N SER A 88 -9.10 13.95 -9.22
CA SER A 88 -9.99 13.28 -10.16
CA SER A 88 -9.98 13.27 -10.15
C SER A 88 -9.30 12.21 -11.00
C SER A 88 -9.25 12.34 -11.10
N GLU A 89 -8.03 11.91 -10.77
CA GLU A 89 -7.26 10.99 -11.59
C GLU A 89 -6.54 9.98 -10.71
N GLY A 90 -6.02 8.94 -11.35
CA GLY A 90 -5.28 7.91 -10.65
C GLY A 90 -3.78 8.05 -10.73
N ASN A 91 -3.27 9.03 -11.47
N ASN A 91 -3.27 9.03 -11.46
CA ASN A 91 -1.84 9.19 -11.65
CA ASN A 91 -1.84 9.15 -11.65
C ASN A 91 -1.18 9.67 -10.36
C ASN A 91 -1.16 9.70 -10.40
N HIS A 92 0.09 9.28 -10.20
CA HIS A 92 0.94 9.81 -9.13
C HIS A 92 0.30 9.63 -7.75
N ASP A 93 -0.32 8.49 -7.54
CA ASP A 93 -1.05 8.23 -6.29
C ASP A 93 -0.06 7.75 -5.23
N ILE A 94 0.67 8.72 -4.67
CA ILE A 94 1.73 8.41 -3.71
C ILE A 94 1.89 9.59 -2.75
N ALA A 95 2.13 9.27 -1.48
CA ALA A 95 2.32 10.28 -0.45
C ALA A 95 3.28 9.74 0.61
N LEU A 96 4.15 10.61 1.09
CA LEU A 96 5.01 10.30 2.23
C LEU A 96 4.43 10.93 3.48
N ILE A 97 4.50 10.20 4.57
CA ILE A 97 4.13 10.72 5.89
C ILE A 97 5.39 10.73 6.72
N LYS A 98 5.76 11.92 7.24
CA LYS A 98 6.79 12.01 8.26
C LYS A 98 6.11 11.98 9.62
N LEU A 99 6.59 11.08 10.49
CA LEU A 99 6.00 10.94 11.80
C LEU A 99 6.56 11.99 12.77
N GLN A 100 5.80 12.25 13.83
CA GLN A 100 6.25 13.23 14.82
C GLN A 100 7.43 12.73 15.64
N ALA A 101 7.57 11.42 15.81
CA ALA A 101 8.69 10.83 16.52
C ALA A 101 9.14 9.59 15.77
N PRO A 102 10.44 9.31 15.75
CA PRO A 102 10.91 8.07 15.11
C PRO A 102 10.46 6.86 15.91
N LEU A 103 10.08 5.81 15.19
CA LEU A 103 9.75 4.53 15.79
C LEU A 103 11.00 3.66 15.85
N ASN A 104 11.16 2.96 16.96
CA ASN A 104 12.22 1.97 17.02
C ASN A 104 11.77 0.66 16.38
N TYR A 105 12.73 -0.05 15.79
CA TYR A 105 12.41 -1.26 15.06
C TYR A 105 12.28 -2.44 16.01
N THR A 106 11.28 -3.28 15.74
CA THR A 106 11.06 -4.54 16.44
C THR A 106 10.66 -5.58 15.40
N GLU A 107 10.52 -6.83 15.85
CA GLU A 107 10.06 -7.90 14.96
C GLU A 107 8.69 -7.60 14.37
N PHE A 108 7.92 -6.73 14.99
CA PHE A 108 6.55 -6.45 14.56
C PHE A 108 6.41 -5.05 13.98
N GLN A 109 7.51 -4.32 13.84
CA GLN A 109 7.46 -2.90 13.51
C GLN A 109 8.82 -2.58 12.90
N LYS A 110 8.94 -2.79 11.59
CA LYS A 110 10.23 -2.58 10.93
C LYS A 110 9.97 -2.36 9.45
N PRO A 111 10.93 -1.78 8.73
N PRO A 111 10.90 -1.74 8.74
CA PRO A 111 10.64 -1.28 7.38
CA PRO A 111 10.60 -1.28 7.37
C PRO A 111 10.70 -2.34 6.30
C PRO A 111 10.64 -2.38 6.33
N ILE A 112 9.90 -2.11 5.25
CA ILE A 112 10.02 -2.85 4.00
C ILE A 112 11.20 -2.27 3.22
N CYS A 113 11.88 -3.11 2.43
CA CYS A 113 12.94 -2.59 1.56
C CYS A 113 12.33 -1.89 0.37
N LEU A 114 12.90 -0.73 0.01
CA LEU A 114 12.54 -0.10 -1.23
C LEU A 114 13.22 -0.82 -2.39
N PRO A 115 12.64 -0.80 -3.58
N PRO A 115 12.61 -0.80 -3.57
CA PRO A 115 13.22 -1.56 -4.70
CA PRO A 115 13.19 -1.51 -4.72
C PRO A 115 14.61 -1.08 -5.06
C PRO A 115 14.20 -0.63 -5.45
N SER A 116 15.45 -2.02 -5.50
N SER A 116 14.66 -1.10 -6.60
CA SER A 116 16.83 -1.72 -5.82
CA SER A 116 15.59 -0.35 -7.42
C SER A 116 16.95 -1.16 -7.23
C SER A 116 14.94 -0.06 -8.77
N LYS A 117 17.91 -0.25 -7.40
N LYS A 117 15.30 1.08 -9.36
CA LYS A 117 18.13 0.39 -8.69
CA LYS A 117 14.87 1.39 -10.71
C LYS A 117 18.51 -0.65 -9.74
C LYS A 117 15.44 0.41 -11.72
N GLY A 118 17.82 -0.60 -10.88
N GLY A 118 16.64 -0.11 -11.46
CA GLY A 118 18.12 -1.52 -11.97
CA GLY A 118 17.27 -1.00 -12.41
C GLY A 118 17.49 -2.88 -11.84
C GLY A 118 16.65 -2.39 -12.45
N ASP A 119 16.24 -2.95 -11.39
N ASP A 119 16.16 -2.87 -11.31
CA ASP A 119 15.52 -4.22 -11.24
CA ASP A 119 15.52 -4.18 -11.23
C ASP A 119 14.21 -4.14 -12.00
C ASP A 119 14.20 -4.13 -11.99
N THR A 120 14.13 -4.86 -13.12
CA THR A 120 12.89 -4.95 -13.86
C THR A 120 11.83 -5.66 -13.03
N SER A 121 10.57 -5.34 -13.28
CA SER A 121 9.47 -5.93 -12.52
CA SER A 121 9.49 -5.94 -12.50
C SER A 121 9.34 -7.43 -12.75
N THR A 122 9.87 -7.94 -13.87
CA THR A 122 9.75 -9.37 -14.16
C THR A 122 10.60 -10.24 -13.25
N ILE A 123 11.45 -9.65 -12.40
CA ILE A 123 12.14 -10.48 -11.42
C ILE A 123 11.22 -10.90 -10.29
N TYR A 124 10.03 -10.33 -10.17
CA TYR A 124 9.16 -10.52 -9.00
C TYR A 124 8.11 -11.58 -9.32
N THR A 125 8.32 -12.79 -8.83
CA THR A 125 7.42 -13.90 -9.11
C THR A 125 6.60 -14.31 -7.90
N ASN A 126 6.92 -13.80 -6.70
CA ASN A 126 6.23 -14.19 -5.46
C ASN A 126 5.80 -12.91 -4.74
N CYS A 127 4.60 -12.43 -5.07
CA CYS A 127 4.10 -11.16 -4.59
C CYS A 127 2.82 -11.35 -3.79
N TRP A 128 2.65 -10.49 -2.78
CA TRP A 128 1.56 -10.56 -1.82
C TRP A 128 1.04 -9.14 -1.57
N VAL A 129 -0.25 -9.05 -1.31
N VAL A 129 -0.27 -9.02 -1.37
CA VAL A 129 -0.91 -7.79 -0.93
CA VAL A 129 -0.88 -7.78 -0.93
C VAL A 129 -1.63 -8.01 0.38
C VAL A 129 -1.56 -8.04 0.42
N THR A 130 -1.55 -7.02 1.28
CA THR A 130 -2.03 -7.15 2.64
C THR A 130 -2.88 -5.95 3.03
N GLY A 131 -3.77 -6.17 3.98
CA GLY A 131 -4.54 -5.06 4.53
C GLY A 131 -5.73 -5.52 5.34
N TRP A 132 -6.43 -4.52 5.88
CA TRP A 132 -7.63 -4.71 6.68
C TRP A 132 -8.88 -4.29 5.91
N GLY A 133 -8.78 -4.11 4.59
CA GLY A 133 -9.92 -3.72 3.78
C GLY A 133 -11.01 -4.79 3.68
N PHE A 134 -12.07 -4.42 2.96
CA PHE A 134 -13.24 -5.30 2.76
C PHE A 134 -12.80 -6.65 2.21
N SER A 135 -13.50 -7.70 2.64
CA SER A 135 -13.30 -9.04 2.10
C SER A 135 -14.29 -9.38 0.98
N LYS A 136 -15.19 -8.45 0.66
CA LYS A 136 -16.06 -8.53 -0.51
C LYS A 136 -16.45 -7.10 -0.87
N GLU A 137 -16.98 -6.93 -2.08
CA GLU A 137 -17.24 -5.58 -2.60
C GLU A 137 -18.13 -4.76 -1.68
N LYS A 138 -19.21 -5.34 -1.18
CA LYS A 138 -20.06 -4.64 -0.21
C LYS A 138 -19.85 -5.20 1.19
N GLY A 139 -18.59 -5.16 1.61
CA GLY A 139 -18.18 -5.75 2.87
C GLY A 139 -17.86 -4.73 3.95
N GLU A 140 -16.93 -5.09 4.84
CA GLU A 140 -16.57 -4.25 5.96
C GLU A 140 -15.10 -4.44 6.28
N ILE A 141 -14.54 -3.48 7.01
CA ILE A 141 -13.17 -3.58 7.47
C ILE A 141 -12.99 -4.87 8.27
N GLN A 142 -11.88 -5.57 8.04
CA GLN A 142 -11.57 -6.83 8.68
C GLN A 142 -10.67 -6.61 9.89
N ASN A 143 -10.85 -7.41 10.93
CA ASN A 143 -10.08 -7.21 12.16
C ASN A 143 -8.64 -7.72 12.02
N ILE A 144 -8.46 -8.96 11.58
CA ILE A 144 -7.13 -9.56 11.47
C ILE A 144 -6.55 -9.25 10.11
N LEU A 145 -5.31 -8.76 10.09
CA LEU A 145 -4.64 -8.38 8.85
C LEU A 145 -4.67 -9.53 7.84
N GLN A 146 -5.23 -9.28 6.66
CA GLN A 146 -5.36 -10.30 5.63
C GLN A 146 -4.19 -10.25 4.67
N LYS A 147 -3.87 -11.40 4.08
CA LYS A 147 -2.82 -11.52 3.07
C LYS A 147 -3.35 -12.33 1.90
N VAL A 148 -2.88 -12.02 0.70
CA VAL A 148 -3.23 -12.83 -0.47
C VAL A 148 -2.10 -12.79 -1.47
N ASN A 149 -1.87 -13.91 -2.15
N ASN A 149 -1.80 -13.94 -2.04
CA ASN A 149 -0.79 -14.07 -3.11
CA ASN A 149 -0.81 -14.06 -3.11
C ASN A 149 -1.35 -13.74 -4.50
C ASN A 149 -1.45 -13.64 -4.41
N ILE A 150 -0.77 -12.74 -5.17
N ILE A 150 -0.70 -12.89 -5.22
CA ILE A 150 -1.31 -12.23 -6.43
CA ILE A 150 -1.26 -12.29 -6.42
C ILE A 150 -0.21 -12.12 -7.48
C ILE A 150 -0.18 -12.16 -7.47
N PRO A 151 -0.45 -12.50 -8.74
CA PRO A 151 0.59 -12.37 -9.77
C PRO A 151 0.61 -10.96 -10.37
N LEU A 152 1.80 -10.49 -10.68
CA LEU A 152 1.92 -9.26 -11.44
C LEU A 152 1.42 -9.49 -12.87
N VAL A 153 0.83 -8.45 -13.43
N VAL A 153 0.78 -8.49 -13.44
CA VAL A 153 0.28 -8.44 -14.78
CA VAL A 153 0.35 -8.57 -14.82
C VAL A 153 1.10 -7.47 -15.62
C VAL A 153 1.04 -7.49 -15.62
N THR A 154 1.24 -7.77 -16.90
CA THR A 154 1.97 -6.84 -17.77
C THR A 154 1.19 -5.53 -17.92
N ASN A 155 1.92 -4.45 -18.17
N ASN A 155 1.93 -4.46 -18.15
CA ASN A 155 1.23 -3.18 -18.40
CA ASN A 155 1.31 -3.17 -18.44
C ASN A 155 0.36 -3.22 -19.65
C ASN A 155 0.36 -3.27 -19.62
N GLU A 156 0.77 -3.97 -20.67
CA GLU A 156 -0.08 -4.11 -21.89
C GLU A 156 -1.38 -4.82 -21.56
N GLU A 157 -1.30 -5.90 -20.77
CA GLU A 157 -2.52 -6.61 -20.39
C GLU A 157 -3.41 -5.75 -19.50
N CYS A 158 -2.81 -5.03 -18.55
CA CYS A 158 -3.60 -4.19 -17.67
C CYS A 158 -4.31 -3.09 -18.44
N GLN A 159 -3.61 -2.45 -19.38
CA GLN A 159 -4.23 -1.42 -20.20
C GLN A 159 -5.40 -1.98 -21.01
N LYS A 160 -5.30 -3.21 -21.48
CA LYS A 160 -6.40 -3.82 -22.23
C LYS A 160 -7.65 -3.93 -21.39
N ARG A 161 -7.52 -4.14 -20.08
CA ARG A 161 -8.67 -4.28 -19.20
C ARG A 161 -9.26 -2.94 -18.78
N TYR A 162 -8.53 -1.84 -18.93
CA TYR A 162 -8.97 -0.51 -18.49
C TYR A 162 -8.80 0.50 -19.63
N GLN A 163 -9.49 0.27 -20.74
CA GLN A 163 -9.26 1.12 -21.90
C GLN A 163 -9.77 2.54 -21.72
N ASP A 164 -10.57 2.83 -20.68
CA ASP A 164 -11.02 4.18 -20.40
C ASP A 164 -10.02 4.99 -19.58
N TYR A 165 -8.91 4.38 -19.15
CA TYR A 165 -7.91 5.05 -18.36
C TYR A 165 -6.53 4.75 -18.95
N LYS A 166 -5.57 5.61 -18.63
CA LYS A 166 -4.20 5.45 -19.07
C LYS A 166 -3.41 4.74 -17.99
N ILE A 167 -2.96 3.52 -18.27
CA ILE A 167 -2.10 2.77 -17.37
C ILE A 167 -0.66 3.10 -17.77
N THR A 168 0.03 3.86 -16.93
CA THR A 168 1.35 4.36 -17.28
C THR A 168 2.46 3.45 -16.79
N GLN A 169 3.68 3.75 -17.22
N GLN A 169 3.69 3.77 -17.23
CA GLN A 169 4.83 2.98 -16.74
CA GLN A 169 4.88 3.07 -16.78
C GLN A 169 5.19 3.28 -15.29
C GLN A 169 5.10 3.21 -15.27
N ARG A 170 4.49 4.22 -14.65
CA ARG A 170 4.64 4.45 -13.22
C ARG A 170 3.56 3.72 -12.42
N MET A 171 2.85 2.81 -13.06
CA MET A 171 1.87 1.96 -12.43
C MET A 171 2.24 0.50 -12.68
N VAL A 172 1.83 -0.36 -11.77
CA VAL A 172 1.99 -1.80 -11.94
C VAL A 172 0.68 -2.46 -11.53
N CYS A 173 0.25 -3.45 -12.29
CA CYS A 173 -1.01 -4.10 -12.00
C CYS A 173 -0.79 -5.52 -11.51
N ALA A 174 -1.78 -6.04 -10.79
CA ALA A 174 -1.68 -7.39 -10.26
C ALA A 174 -3.09 -7.95 -10.08
N GLY A 175 -3.27 -9.20 -10.46
CA GLY A 175 -4.57 -9.83 -10.32
C GLY A 175 -4.66 -11.07 -11.16
N TYR A 176 -5.81 -11.74 -11.02
CA TYR A 176 -6.11 -12.99 -11.68
C TYR A 176 -7.16 -12.77 -12.78
N LYS A 177 -6.98 -13.45 -13.90
CA LYS A 177 -7.96 -13.36 -14.99
C LYS A 177 -9.35 -13.72 -14.51
N GLU A 178 -9.47 -14.74 -13.65
CA GLU A 178 -10.77 -15.15 -13.14
C GLU A 178 -11.19 -14.42 -11.87
N GLY A 179 -10.45 -13.40 -11.45
CA GLY A 179 -10.84 -12.67 -10.26
C GLY A 179 -10.67 -13.52 -9.00
N GLY A 180 -11.46 -13.19 -7.98
CA GLY A 180 -11.52 -13.98 -6.76
C GLY A 180 -10.53 -13.58 -5.67
N LYS A 181 -9.38 -13.03 -6.03
CA LYS A 181 -8.37 -12.59 -5.07
C LYS A 181 -7.89 -11.20 -5.45
N ASP A 182 -7.95 -10.26 -4.51
CA ASP A 182 -7.69 -8.86 -4.84
C ASP A 182 -7.64 -8.05 -3.55
N ALA A 183 -7.08 -6.85 -3.64
CA ALA A 183 -7.28 -5.85 -2.60
C ALA A 183 -8.65 -5.19 -2.78
N CYS A 184 -9.14 -4.52 -1.75
CA CYS A 184 -10.46 -3.92 -1.80
C CYS A 184 -10.49 -2.67 -0.91
N LYS A 185 -11.69 -2.09 -0.77
CA LYS A 185 -11.85 -0.82 -0.07
C LYS A 185 -11.27 -0.90 1.34
N GLY A 186 -10.41 0.05 1.66
CA GLY A 186 -9.70 0.03 2.93
C GLY A 186 -8.30 -0.52 2.85
N ASP A 187 -7.94 -1.17 1.75
CA ASP A 187 -6.58 -1.64 1.53
C ASP A 187 -5.71 -0.60 0.85
N SER A 188 -6.30 0.39 0.18
CA SER A 188 -5.49 1.35 -0.55
C SER A 188 -4.50 2.06 0.37
N GLY A 189 -3.34 2.37 -0.20
CA GLY A 189 -2.23 2.91 0.55
C GLY A 189 -1.29 1.88 1.12
N GLY A 190 -1.74 0.63 1.25
CA GLY A 190 -0.88 -0.41 1.77
C GLY A 190 0.05 -0.98 0.72
N PRO A 191 0.82 -1.98 1.14
CA PRO A 191 1.88 -2.56 0.31
C PRO A 191 1.44 -3.65 -0.64
N LEU A 192 2.11 -3.68 -1.80
CA LEU A 192 2.26 -4.86 -2.63
C LEU A 192 3.74 -5.22 -2.55
N VAL A 193 4.05 -6.37 -1.94
CA VAL A 193 5.44 -6.73 -1.66
C VAL A 193 5.79 -8.01 -2.39
N CYS A 194 7.02 -8.11 -2.87
CA CYS A 194 7.48 -9.30 -3.56
C CYS A 194 8.82 -9.72 -2.97
N LYS A 195 8.99 -11.02 -2.74
N LYS A 195 9.02 -11.03 -2.83
CA LYS A 195 10.16 -11.51 -1.99
CA LYS A 195 10.28 -11.52 -2.32
C LYS A 195 11.27 -11.91 -2.96
C LYS A 195 11.36 -11.47 -3.40
N HIS A 196 12.44 -11.29 -2.82
N HIS A 196 12.60 -11.28 -2.96
CA HIS A 196 13.57 -11.51 -3.71
CA HIS A 196 13.73 -11.27 -3.87
C HIS A 196 14.85 -11.54 -2.90
C HIS A 196 15.01 -11.41 -3.05
N ASN A 197 15.71 -12.53 -3.20
CA ASN A 197 16.96 -12.76 -2.47
C ASN A 197 16.76 -12.77 -0.96
N GLY A 198 15.65 -13.35 -0.52
CA GLY A 198 15.37 -13.51 0.89
C GLY A 198 14.82 -12.30 1.59
N MET A 199 14.60 -11.19 0.89
CA MET A 199 14.06 -9.97 1.49
C MET A 199 12.84 -9.53 0.70
N TRP A 200 11.83 -9.07 1.43
CA TRP A 200 10.65 -8.49 0.79
C TRP A 200 10.96 -7.09 0.29
N ARG A 201 10.46 -6.77 -0.91
CA ARG A 201 10.65 -5.47 -1.52
C ARG A 201 9.28 -4.83 -1.79
N LEU A 202 9.19 -3.51 -1.60
CA LEU A 202 7.94 -2.79 -1.83
C LEU A 202 7.86 -2.47 -3.32
N VAL A 203 7.05 -3.24 -4.04
CA VAL A 203 6.91 -3.09 -5.48
C VAL A 203 5.78 -2.13 -5.84
N GLY A 204 4.69 -2.15 -5.07
CA GLY A 204 3.54 -1.31 -5.37
C GLY A 204 2.90 -0.74 -4.11
N ILE A 205 2.15 0.33 -4.33
CA ILE A 205 1.23 0.88 -3.33
C ILE A 205 -0.18 0.69 -3.86
N THR A 206 -1.02 0.00 -3.07
CA THR A 206 -2.40 -0.25 -3.49
C THR A 206 -3.13 1.06 -3.78
N SER A 207 -3.71 1.14 -4.97
CA SER A 207 -4.25 2.40 -5.46
C SER A 207 -5.72 2.31 -5.86
N TRP A 208 -6.06 1.51 -6.88
N TRP A 208 -6.06 1.55 -6.89
CA TRP A 208 -7.39 1.59 -7.45
CA TRP A 208 -7.44 1.54 -7.36
C TRP A 208 -7.68 0.33 -8.26
C TRP A 208 -7.70 0.31 -8.20
N GLY A 209 -8.96 0.16 -8.57
CA GLY A 209 -9.39 -0.87 -9.50
C GLY A 209 -10.90 -0.73 -9.59
N GLU A 210 -11.46 -1.34 -10.63
N GLU A 210 -11.46 -1.34 -10.63
CA GLU A 210 -12.90 -1.36 -10.80
CA GLU A 210 -12.90 -1.34 -10.79
C GLU A 210 -13.47 -2.49 -9.95
C GLU A 210 -13.49 -2.47 -9.97
N GLY A 211 -14.19 -2.13 -8.89
CA GLY A 211 -14.71 -3.16 -8.01
C GLY A 211 -13.58 -3.87 -7.28
N CYS A 212 -13.85 -5.10 -6.86
CA CYS A 212 -12.86 -5.92 -6.18
C CYS A 212 -13.00 -7.36 -6.62
N ALA A 213 -11.89 -7.96 -7.05
CA ALA A 213 -11.80 -9.38 -7.37
C ALA A 213 -12.72 -9.76 -8.54
N ARG A 214 -13.09 -8.80 -9.38
CA ARG A 214 -13.87 -9.12 -10.56
C ARG A 214 -12.98 -9.76 -11.62
N ARG A 215 -13.60 -10.57 -12.48
CA ARG A 215 -12.89 -11.16 -13.60
C ARG A 215 -12.28 -10.06 -14.47
N GLU A 216 -11.02 -10.28 -14.86
CA GLU A 216 -10.35 -9.42 -15.85
C GLU A 216 -10.38 -7.94 -15.47
N GLN A 217 -10.30 -7.67 -14.16
CA GLN A 217 -10.26 -6.30 -13.66
C GLN A 217 -9.20 -6.27 -12.57
N PRO A 218 -7.93 -6.22 -12.95
CA PRO A 218 -6.86 -6.33 -11.95
C PRO A 218 -6.76 -5.07 -11.11
N GLY A 219 -6.08 -5.22 -9.97
CA GLY A 219 -5.76 -4.06 -9.16
C GLY A 219 -4.65 -3.25 -9.79
N VAL A 220 -4.74 -1.93 -9.64
CA VAL A 220 -3.73 -1.00 -10.13
C VAL A 220 -2.99 -0.42 -8.94
N TYR A 221 -1.65 -0.44 -9.01
CA TYR A 221 -0.79 -0.04 -7.91
C TYR A 221 0.19 1.01 -8.41
N THR A 222 0.56 1.92 -7.52
CA THR A 222 1.64 2.84 -7.86
C THR A 222 2.96 2.08 -7.85
N LYS A 223 3.73 2.20 -8.93
CA LYS A 223 4.96 1.41 -9.07
C LYS A 223 6.09 2.14 -8.37
N VAL A 224 6.49 1.63 -7.20
CA VAL A 224 7.38 2.34 -6.29
C VAL A 224 8.74 2.62 -6.93
N ALA A 225 9.25 1.67 -7.73
CA ALA A 225 10.56 1.87 -8.36
C ALA A 225 10.59 3.13 -9.21
N GLU A 226 9.46 3.51 -9.80
CA GLU A 226 9.40 4.68 -10.65
C GLU A 226 9.23 5.97 -9.87
N TYR A 227 9.25 5.90 -8.53
CA TYR A 227 9.19 7.07 -7.66
C TYR A 227 10.40 7.14 -6.72
N MET A 228 11.45 6.36 -6.99
CA MET A 228 12.58 6.33 -6.07
C MET A 228 13.32 7.66 -6.03
N ASP A 229 13.50 8.32 -7.18
CA ASP A 229 14.15 9.63 -7.14
C ASP A 229 13.36 10.59 -6.25
N TRP A 230 12.04 10.60 -6.41
CA TRP A 230 11.18 11.45 -5.60
C TRP A 230 11.26 11.09 -4.12
N ILE A 231 11.22 9.80 -3.79
CA ILE A 231 11.28 9.38 -2.39
C ILE A 231 12.60 9.82 -1.77
N LEU A 232 13.70 9.61 -2.48
CA LEU A 232 15.01 9.99 -1.95
C LEU A 232 15.13 11.50 -1.81
N GLU A 233 14.59 12.26 -2.76
CA GLU A 233 14.64 13.71 -2.66
C GLU A 233 13.87 14.20 -1.44
N LYS A 234 12.65 13.66 -1.24
CA LYS A 234 11.79 14.18 -0.18
C LYS A 234 12.23 13.72 1.20
N THR A 235 12.94 12.60 1.30
CA THR A 235 13.37 12.09 2.62
C THR A 235 14.76 12.62 2.97
N GLN A 236 15.28 13.48 2.10
CA GLN A 236 16.59 14.16 2.25
C GLN A 236 17.59 13.03 2.44
N SER A 237 17.58 12.09 1.50
CA SER A 237 18.28 10.77 1.51
C SER A 237 17.63 9.86 2.57
#